data_9MIC
#
_entry.id   9MIC
#
_cell.length_a   53.435
_cell.length_b   71.291
_cell.length_c   219.335
_cell.angle_alpha   90.00
_cell.angle_beta   90.00
_cell.angle_gamma   90.00
#
_symmetry.space_group_name_H-M   'P 21 21 21'
#
loop_
_entity.id
_entity.type
_entity.pdbx_description
1 polymer '4D01 Fab heavy chain'
2 polymer '4D01 Fab light chain'
3 polymer 'eOD-GT8 engineered mutant of gp120'
4 non-polymer 2-acetamido-2-deoxy-beta-D-glucopyranose
5 water water
#
loop_
_entity_poly.entity_id
_entity_poly.type
_entity_poly.pdbx_seq_one_letter_code
_entity_poly.pdbx_strand_id
1 'polypeptide(L)'
;QVQLVQSGAEVKKPGASVKVSCKTSGYTFTDFYMHWMRQAPGQGLEWMGWINPTGGGVNYAHKFQGRVTMTRDTSISTAY
MELSRLTSDDTGVYYCARSPARELLPLDYWGQGTLVTVSSASTKGPSVFPLAPSSKSTSGGTAALGCLVKDYFPEPVTVS
WNSGALTSGVHTFPAVLQSSGLYSLSSVVTVPSSSLGTQTYICNVNHKPSNTKVDKRVEPKSCD
;
H
2 'polypeptide(L)'
;DIQVTQSPSSLSASVGDRVTITCRASQGISNYLAWYQQKPGKVPKLLIYGASTLQSGVPSRFSGSGSGTDFTLTISSLQP
EDFATYYCQIYETFGQGTKVDIKRTVAAPSVFIFPPSDEQLKSGTASVVCLLNNFYPREAKVQWKVDNALQSGNSQESVT
EQDSKDSTYSLSSTLTLSKADYEKHKVYACEVTQGTTSVTKSFNRGEC
;
L
3 'polypeptide(L)'
;DTITLPCRPAPPPHCSSNITGLILTRQGGYSNANTVIFRPSGGDWRDIARCQIAGTVVSTQLFLNGSLAEEEVVIRSEDW
RDNAKSICVQLATSVEIACTGAGHCAISRAKWANTLKQIASKLREQYGAKTIIFKPSSGGDPEFVNHSFNCGGEFFYCAS
TQLFASTWFASTGTGTKHHHHHH
;
C
#
loop_
_chem_comp.id
_chem_comp.type
_chem_comp.name
_chem_comp.formula
NAG D-saccharide, beta linking 2-acetamido-2-deoxy-beta-D-glucopyranose 'C8 H15 N O6'
#
# COMPACT_ATOMS: atom_id res chain seq x y z
N GLN A 1 -18.11 -13.52 11.83
CA GLN A 1 -17.32 -12.40 12.34
C GLN A 1 -17.01 -11.34 11.28
N VAL A 2 -16.12 -10.39 11.59
CA VAL A 2 -15.86 -9.26 10.70
C VAL A 2 -14.99 -9.72 9.54
N GLN A 3 -15.41 -9.40 8.33
CA GLN A 3 -14.82 -9.97 7.12
C GLN A 3 -14.81 -8.92 6.01
N LEU A 4 -13.62 -8.55 5.54
CA LEU A 4 -13.49 -7.69 4.36
C LEU A 4 -12.89 -8.54 3.25
N VAL A 5 -13.60 -8.67 2.13
CA VAL A 5 -13.19 -9.55 1.03
C VAL A 5 -13.08 -8.74 -0.25
N GLN A 6 -11.88 -8.70 -0.82
CA GLN A 6 -11.60 -7.88 -1.99
C GLN A 6 -11.65 -8.72 -3.27
N SER A 7 -11.85 -8.02 -4.39
CA SER A 7 -11.86 -8.64 -5.71
C SER A 7 -10.45 -9.11 -6.09
N GLY A 8 -10.39 -9.90 -7.16
CA GLY A 8 -9.17 -10.59 -7.56
C GLY A 8 -8.15 -9.68 -8.20
N ALA A 9 -6.98 -10.26 -8.51
CA ALA A 9 -5.87 -9.53 -9.07
C ALA A 9 -6.24 -8.91 -10.42
N GLU A 10 -5.57 -7.80 -10.76
CA GLU A 10 -5.84 -7.09 -12.00
C GLU A 10 -4.53 -6.85 -12.74
N VAL A 11 -4.62 -6.88 -14.07
CA VAL A 11 -3.51 -6.52 -14.93
C VAL A 11 -3.99 -5.41 -15.86
N LYS A 12 -3.19 -4.34 -16.00
CA LYS A 12 -3.62 -3.15 -16.73
C LYS A 12 -2.48 -2.60 -17.57
N LYS A 13 -2.83 -2.01 -18.71
CA LYS A 13 -1.88 -1.25 -19.50
C LYS A 13 -1.81 0.19 -19.00
N PRO A 14 -0.68 0.89 -19.15
CA PRO A 14 -0.61 2.28 -18.67
C PRO A 14 -1.66 3.14 -19.35
N GLY A 15 -2.20 4.09 -18.58
CA GLY A 15 -3.29 4.92 -19.01
C GLY A 15 -4.66 4.32 -18.76
N ALA A 16 -4.73 3.02 -18.48
CA ALA A 16 -6.01 2.41 -18.18
C ALA A 16 -6.46 2.82 -16.78
N SER A 17 -7.60 2.30 -16.37
CA SER A 17 -8.02 2.46 -15.00
C SER A 17 -8.41 1.10 -14.45
N VAL A 18 -8.41 1.00 -13.11
CA VAL A 18 -8.73 -0.21 -12.41
C VAL A 18 -9.72 0.13 -11.31
N LYS A 19 -10.63 -0.80 -11.03
CA LYS A 19 -11.61 -0.63 -9.96
C LYS A 19 -11.58 -1.89 -9.10
N VAL A 20 -11.29 -1.72 -7.81
CA VAL A 20 -11.21 -2.86 -6.89
C VAL A 20 -12.34 -2.76 -5.89
N SER A 21 -12.96 -3.90 -5.57
CA SER A 21 -14.10 -3.95 -4.68
C SER A 21 -13.69 -4.52 -3.33
N CYS A 22 -14.43 -4.13 -2.30
CA CYS A 22 -14.19 -4.59 -0.92
C CYS A 22 -15.55 -4.89 -0.32
N LYS A 23 -15.92 -6.18 -0.29
CA LYS A 23 -17.21 -6.64 0.23
C LYS A 23 -17.07 -7.02 1.70
N THR A 24 -17.92 -6.44 2.54
CA THR A 24 -17.78 -6.61 3.97
C THR A 24 -18.96 -7.37 4.55
N SER A 25 -18.77 -7.88 5.76
CA SER A 25 -19.84 -8.52 6.52
C SER A 25 -19.38 -8.69 7.96
N GLY A 26 -20.31 -9.12 8.80
CA GLY A 26 -20.03 -9.26 10.21
C GLY A 26 -20.14 -7.99 11.01
N TYR A 27 -20.54 -6.88 10.40
CA TYR A 27 -20.66 -5.63 11.13
C TYR A 27 -21.59 -4.68 10.37
N THR A 28 -21.96 -3.59 11.04
CA THR A 28 -22.79 -2.56 10.44
C THR A 28 -21.90 -1.66 9.57
N PHE A 29 -22.06 -1.79 8.25
CA PHE A 29 -21.15 -1.17 7.29
C PHE A 29 -21.11 0.34 7.45
N THR A 30 -22.26 0.96 7.69
CA THR A 30 -22.33 2.42 7.82
C THR A 30 -21.85 2.97 9.16
N ASP A 31 -21.50 2.12 10.13
CA ASP A 31 -21.02 2.62 11.42
C ASP A 31 -19.52 2.89 11.47
N PHE A 32 -18.75 2.54 10.44
CA PHE A 32 -17.31 2.65 10.44
C PHE A 32 -16.87 3.33 9.16
N TYR A 33 -15.74 4.05 9.21
CA TYR A 33 -15.18 4.54 7.96
C TYR A 33 -14.38 3.43 7.27
N MET A 34 -14.26 3.54 5.95
CA MET A 34 -13.43 2.64 5.18
C MET A 34 -12.27 3.43 4.59
N HIS A 35 -11.07 2.89 4.73
CA HIS A 35 -9.87 3.50 4.16
C HIS A 35 -9.27 2.56 3.12
N TRP A 36 -8.50 3.14 2.20
CA TRP A 36 -7.74 2.37 1.21
C TRP A 36 -6.26 2.70 1.35
N MET A 37 -5.44 1.64 1.30
CA MET A 37 -4.00 1.73 1.40
C MET A 37 -3.41 0.95 0.24
N ARG A 38 -2.16 1.25 -0.09
CA ARG A 38 -1.48 0.40 -1.06
C ARG A 38 -0.04 0.23 -0.63
N GLN A 39 0.61 -0.73 -1.28
CA GLN A 39 1.98 -1.08 -0.94
C GLN A 39 2.64 -1.53 -2.23
N ALA A 40 3.55 -0.70 -2.74
CA ALA A 40 4.35 -1.11 -3.87
C ALA A 40 5.23 -2.30 -3.47
N PRO A 41 5.59 -3.17 -4.41
CA PRO A 41 6.29 -4.41 -4.01
C PRO A 41 7.58 -4.07 -3.27
N GLY A 42 7.80 -4.75 -2.15
CA GLY A 42 8.96 -4.49 -1.33
C GLY A 42 8.98 -3.15 -0.62
N GLN A 43 7.93 -2.36 -0.72
CA GLN A 43 7.93 -1.00 -0.17
C GLN A 43 6.97 -0.91 1.02
N GLY A 44 6.81 0.31 1.54
CA GLY A 44 5.99 0.54 2.72
C GLY A 44 4.52 0.79 2.41
N LEU A 45 3.77 1.06 3.46
CA LEU A 45 2.34 1.29 3.32
C LEU A 45 2.09 2.78 3.09
N GLU A 46 1.11 3.10 2.24
CA GLU A 46 0.67 4.48 2.19
C GLU A 46 -0.85 4.56 2.09
N TRP A 47 -1.40 5.56 2.78
CA TRP A 47 -2.84 5.82 2.81
C TRP A 47 -3.29 6.57 1.55
N MET A 48 -4.37 6.08 0.93
CA MET A 48 -4.98 6.67 -0.26
C MET A 48 -6.17 7.59 0.03
N GLY A 49 -6.97 7.29 1.05
CA GLY A 49 -8.10 8.13 1.43
C GLY A 49 -9.13 7.34 2.20
N TRP A 50 -10.14 8.04 2.68
CA TRP A 50 -11.27 7.41 3.36
C TRP A 50 -12.58 7.75 2.67
N ILE A 51 -13.58 6.95 2.96
CA ILE A 51 -14.94 7.21 2.50
C ILE A 51 -15.89 7.07 3.67
N ASN A 52 -16.86 7.99 3.73
CA ASN A 52 -17.96 7.95 4.69
C ASN A 52 -19.05 7.08 4.10
N PRO A 53 -19.37 5.92 4.65
CA PRO A 53 -20.33 5.03 3.98
C PRO A 53 -21.78 5.51 4.03
N THR A 54 -22.16 6.33 5.02
CA THR A 54 -23.55 6.78 5.09
C THR A 54 -23.88 7.75 3.96
N GLY A 55 -23.02 8.74 3.75
CA GLY A 55 -23.28 9.72 2.73
C GLY A 55 -22.39 9.66 1.50
N GLY A 56 -21.29 8.89 1.55
CA GLY A 56 -20.44 8.78 0.38
C GLY A 56 -19.41 9.88 0.21
N GLY A 57 -19.40 10.87 1.10
CA GLY A 57 -18.31 11.84 1.08
C GLY A 57 -16.97 11.18 1.31
N VAL A 58 -15.91 11.83 0.80
CA VAL A 58 -14.59 11.23 0.77
C VAL A 58 -13.53 12.27 1.14
N ASN A 59 -12.36 11.76 1.55
CA ASN A 59 -11.18 12.61 1.72
C ASN A 59 -10.01 11.82 1.16
N TYR A 60 -9.51 12.24 -0.01
CA TYR A 60 -8.42 11.58 -0.71
C TYR A 60 -7.09 12.17 -0.28
N ALA A 61 -6.07 11.31 -0.20
CA ALA A 61 -4.71 11.83 -0.04
C ALA A 61 -4.39 12.76 -1.21
N HIS A 62 -3.76 13.90 -0.91
CA HIS A 62 -3.51 14.88 -1.95
C HIS A 62 -2.80 14.25 -3.15
N LYS A 63 -1.92 13.29 -2.91
CA LYS A 63 -1.17 12.63 -3.97
C LYS A 63 -2.09 11.96 -4.99
N PHE A 64 -3.22 11.43 -4.54
CA PHE A 64 -4.16 10.76 -5.43
C PHE A 64 -5.36 11.62 -5.83
N GLN A 65 -5.48 12.83 -5.30
CA GLN A 65 -6.62 13.69 -5.62
C GLN A 65 -6.65 13.98 -7.11
N GLY A 66 -7.75 13.66 -7.76
CA GLY A 66 -7.88 13.91 -9.19
C GLY A 66 -7.80 12.66 -10.04
N ARG A 67 -7.35 11.53 -9.51
CA ARG A 67 -7.48 10.31 -10.29
C ARG A 67 -7.93 9.09 -9.49
N VAL A 68 -8.24 9.23 -8.21
CA VAL A 68 -8.87 8.14 -7.49
C VAL A 68 -10.31 8.52 -7.26
N THR A 69 -11.18 7.53 -7.31
CA THR A 69 -12.60 7.67 -6.98
C THR A 69 -12.98 6.56 -6.02
N MET A 70 -13.42 6.92 -4.79
CA MET A 70 -13.95 5.96 -3.83
C MET A 70 -15.47 6.08 -3.78
N THR A 71 -16.15 4.95 -3.83
CA THR A 71 -17.62 4.87 -3.79
C THR A 71 -18.01 3.67 -2.93
N ARG A 72 -19.30 3.56 -2.63
CA ARG A 72 -19.80 2.41 -1.89
C ARG A 72 -21.24 2.14 -2.28
N ASP A 73 -21.66 0.89 -2.08
CA ASP A 73 -23.05 0.48 -2.27
C ASP A 73 -23.50 -0.11 -0.95
N THR A 74 -24.17 0.70 -0.11
CA THR A 74 -24.56 0.22 1.20
C THR A 74 -25.47 -1.01 1.13
N SER A 75 -26.26 -1.13 0.05
CA SER A 75 -27.21 -2.23 0.00
C SER A 75 -26.51 -3.59 -0.01
N ILE A 76 -25.24 -3.64 -0.42
CA ILE A 76 -24.45 -4.88 -0.37
C ILE A 76 -23.17 -4.70 0.45
N SER A 77 -23.12 -3.67 1.29
CA SER A 77 -22.03 -3.47 2.25
C SER A 77 -20.65 -3.59 1.60
N THR A 78 -20.51 -2.97 0.42
CA THR A 78 -19.32 -3.08 -0.40
C THR A 78 -18.74 -1.70 -0.71
N ALA A 79 -17.43 -1.55 -0.51
CA ALA A 79 -16.71 -0.35 -0.91
C ALA A 79 -15.98 -0.60 -2.22
N TYR A 80 -15.69 0.49 -2.94
CA TYR A 80 -14.97 0.41 -4.20
C TYR A 80 -13.94 1.52 -4.27
N MET A 81 -12.78 1.20 -4.84
CA MET A 81 -11.75 2.19 -5.15
C MET A 81 -11.43 2.06 -6.64
N GLU A 82 -11.51 3.18 -7.38
CA GLU A 82 -11.13 3.20 -8.78
C GLU A 82 -9.97 4.17 -8.95
N LEU A 83 -8.88 3.69 -9.53
CA LEU A 83 -7.71 4.51 -9.78
C LEU A 83 -7.50 4.63 -11.28
N SER A 84 -7.33 5.86 -11.77
CA SER A 84 -7.27 6.15 -13.20
C SER A 84 -5.87 6.56 -13.65
N ARG A 85 -5.69 6.65 -14.97
CA ARG A 85 -4.41 7.06 -15.57
C ARG A 85 -3.24 6.27 -14.99
N LEU A 86 -3.40 4.95 -14.95
CA LEU A 86 -2.42 4.09 -14.30
C LEU A 86 -1.08 4.15 -15.02
N THR A 87 0.00 4.12 -14.22
CA THR A 87 1.37 3.91 -14.71
C THR A 87 2.01 2.80 -13.88
N SER A 88 3.21 2.37 -14.31
CA SER A 88 3.87 1.28 -13.60
C SER A 88 4.14 1.63 -12.14
N ASP A 89 4.20 2.92 -11.80
CA ASP A 89 4.29 3.36 -10.40
C ASP A 89 3.11 2.90 -9.54
N ASP A 90 1.98 2.57 -10.15
CA ASP A 90 0.80 2.10 -9.42
C ASP A 90 0.80 0.60 -9.22
N THR A 91 1.79 -0.12 -9.76
CA THR A 91 1.87 -1.55 -9.46
C THR A 91 2.06 -1.74 -7.96
N GLY A 92 1.23 -2.59 -7.37
CA GLY A 92 1.35 -2.89 -5.97
C GLY A 92 0.09 -3.56 -5.45
N VAL A 93 0.07 -3.78 -4.15
CA VAL A 93 -1.07 -4.43 -3.49
C VAL A 93 -1.92 -3.34 -2.84
N TYR A 94 -3.22 -3.41 -3.07
CA TYR A 94 -4.18 -2.42 -2.59
C TYR A 94 -5.05 -3.06 -1.50
N TYR A 95 -5.23 -2.36 -0.39
CA TYR A 95 -5.97 -2.89 0.75
C TYR A 95 -7.10 -1.96 1.12
N CYS A 96 -8.27 -2.53 1.40
CA CYS A 96 -9.25 -1.79 2.19
C CYS A 96 -9.12 -2.16 3.66
N ALA A 97 -9.41 -1.19 4.51
CA ALA A 97 -9.38 -1.41 5.95
C ALA A 97 -10.39 -0.52 6.63
N ARG A 98 -10.96 -1.04 7.71
CA ARG A 98 -11.99 -0.40 8.50
C ARG A 98 -11.37 0.37 9.66
N SER A 99 -11.90 1.55 9.94
CA SER A 99 -11.60 2.31 11.15
C SER A 99 -12.89 2.72 11.82
N PRO A 100 -12.85 3.15 13.07
CA PRO A 100 -14.02 3.83 13.64
C PRO A 100 -14.38 5.05 12.80
N ALA A 101 -15.68 5.36 12.76
CA ALA A 101 -16.15 6.53 12.02
C ALA A 101 -15.41 7.78 12.48
N ARG A 102 -15.12 8.66 11.52
CA ARG A 102 -14.48 9.93 11.80
C ARG A 102 -13.14 9.77 12.48
N GLU A 103 -12.46 8.63 12.24
CA GLU A 103 -11.12 8.40 12.75
C GLU A 103 -10.23 7.89 11.60
N LEU A 104 -8.93 8.04 11.79
CA LEU A 104 -7.96 7.56 10.77
C LEU A 104 -6.98 6.57 11.39
N LEU A 105 -6.95 6.46 12.72
CA LEU A 105 -5.88 5.64 13.39
C LEU A 105 -6.18 4.14 13.45
N PRO A 106 -7.13 3.63 14.25
CA PRO A 106 -7.28 2.18 14.45
C PRO A 106 -7.81 1.39 13.24
N LEU A 107 -6.92 0.92 12.36
CA LEU A 107 -7.36 0.07 11.25
C LEU A 107 -7.34 -1.38 11.75
N ASP A 108 -8.47 -1.82 12.32
CA ASP A 108 -8.43 -3.09 13.05
C ASP A 108 -8.65 -4.30 12.16
N TYR A 109 -9.44 -4.20 11.09
CA TYR A 109 -9.66 -5.29 10.15
C TYR A 109 -9.34 -4.85 8.73
N TRP A 110 -8.59 -5.69 8.03
CA TRP A 110 -8.13 -5.39 6.69
C TRP A 110 -8.66 -6.38 5.68
N GLY A 111 -8.81 -5.93 4.42
CA GLY A 111 -9.04 -6.84 3.32
C GLY A 111 -7.79 -7.66 3.04
N GLN A 112 -7.94 -8.71 2.23
CA GLN A 112 -6.78 -9.58 2.01
C GLN A 112 -5.79 -9.00 1.00
N GLY A 113 -6.12 -7.90 0.36
CA GLY A 113 -5.23 -7.31 -0.61
C GLY A 113 -5.61 -7.68 -2.03
N THR A 114 -5.39 -6.75 -2.95
CA THR A 114 -5.60 -6.98 -4.38
C THR A 114 -4.34 -6.53 -5.10
N LEU A 115 -3.72 -7.46 -5.82
CA LEU A 115 -2.56 -7.13 -6.65
C LEU A 115 -2.99 -6.44 -7.93
N VAL A 116 -2.39 -5.28 -8.22
CA VAL A 116 -2.61 -4.57 -9.46
C VAL A 116 -1.26 -4.40 -10.16
N THR A 117 -1.15 -4.91 -11.37
CA THR A 117 0.09 -4.82 -12.16
C THR A 117 -0.17 -3.93 -13.34
N VAL A 118 0.63 -2.87 -13.48
CA VAL A 118 0.48 -1.92 -14.57
C VAL A 118 1.75 -2.01 -15.40
N SER A 119 1.60 -2.44 -16.66
CA SER A 119 2.73 -2.71 -17.54
C SER A 119 2.25 -2.67 -18.98
N SER A 120 3.17 -2.28 -19.87
CA SER A 120 2.90 -2.46 -21.31
C SER A 120 2.97 -3.92 -21.75
N ALA A 121 3.50 -4.82 -20.91
CA ALA A 121 3.51 -6.24 -21.22
C ALA A 121 2.09 -6.79 -21.20
N SER A 122 1.91 -7.97 -21.80
CA SER A 122 0.65 -8.71 -21.81
C SER A 122 0.82 -10.09 -21.20
N THR A 123 -0.30 -10.68 -20.76
CA THR A 123 -0.31 -11.99 -20.10
C THR A 123 0.50 -13.03 -20.86
N LYS A 124 1.39 -13.75 -20.16
CA LYS A 124 2.29 -14.70 -20.80
C LYS A 124 2.62 -15.83 -19.82
N GLY A 125 2.33 -17.06 -20.23
CA GLY A 125 2.67 -18.23 -19.45
C GLY A 125 4.17 -18.49 -19.43
N PRO A 126 4.67 -19.13 -18.37
CA PRO A 126 6.12 -19.33 -18.24
C PRO A 126 6.65 -20.41 -19.16
N SER A 127 7.90 -20.23 -19.56
CA SER A 127 8.70 -21.32 -20.09
C SER A 127 9.50 -21.91 -18.95
N VAL A 128 9.35 -23.21 -18.70
CA VAL A 128 9.97 -23.85 -17.55
C VAL A 128 11.11 -24.71 -18.07
N PHE A 129 12.34 -24.39 -17.66
CA PHE A 129 13.52 -25.11 -18.04
C PHE A 129 14.13 -25.83 -16.84
N PRO A 130 14.70 -27.03 -17.03
CA PRO A 130 15.34 -27.73 -15.91
C PRO A 130 16.69 -27.10 -15.55
N LEU A 131 16.98 -27.09 -14.25
CA LEU A 131 18.35 -26.90 -13.75
C LEU A 131 18.83 -28.30 -13.36
N ALA A 132 19.46 -28.98 -14.33
CA ALA A 132 19.76 -30.40 -14.20
C ALA A 132 20.89 -30.61 -13.21
N PRO A 133 20.77 -31.57 -12.28
CA PRO A 133 21.92 -31.90 -11.42
C PRO A 133 23.09 -32.45 -12.23
N SER A 134 24.30 -32.03 -11.85
CA SER A 134 25.54 -32.50 -12.47
C SER A 134 26.65 -32.44 -11.43
N SER A 135 27.87 -32.75 -11.86
CA SER A 135 28.97 -32.67 -10.92
C SER A 135 29.26 -31.24 -10.48
N LYS A 136 28.70 -30.25 -11.18
CA LYS A 136 28.78 -28.84 -10.83
C LYS A 136 27.69 -28.44 -9.86
N SER A 137 26.79 -29.36 -9.52
CA SER A 137 25.76 -29.07 -8.55
C SER A 137 25.73 -30.13 -7.45
N THR A 138 26.81 -30.93 -7.31
CA THR A 138 26.90 -32.00 -6.32
C THR A 138 27.93 -31.66 -5.24
N SER A 139 27.58 -32.00 -3.99
CA SER A 139 28.47 -31.85 -2.84
C SER A 139 28.44 -33.14 -2.02
N GLY A 140 29.25 -34.10 -2.43
CA GLY A 140 29.31 -35.34 -1.67
C GLY A 140 27.97 -36.03 -1.68
N GLY A 141 27.38 -36.20 -0.49
CA GLY A 141 26.09 -36.84 -0.36
C GLY A 141 24.88 -36.02 -0.79
N THR A 142 25.05 -34.74 -1.10
CA THR A 142 23.93 -33.90 -1.52
C THR A 142 24.15 -33.38 -2.94
N ALA A 143 23.05 -33.22 -3.68
CA ALA A 143 23.11 -32.61 -5.01
C ALA A 143 21.97 -31.62 -5.13
N ALA A 144 22.20 -30.55 -5.88
CA ALA A 144 21.17 -29.53 -6.09
C ALA A 144 20.57 -29.65 -7.48
N LEU A 145 19.28 -29.35 -7.57
CA LEU A 145 18.57 -29.35 -8.85
C LEU A 145 17.37 -28.42 -8.70
N GLY A 146 16.79 -28.05 -9.84
CA GLY A 146 15.71 -27.09 -9.78
C GLY A 146 15.05 -26.85 -11.11
N CYS A 147 14.26 -25.78 -11.17
CA CYS A 147 13.58 -25.34 -12.39
C CYS A 147 13.75 -23.85 -12.55
N LEU A 148 13.98 -23.40 -13.77
CA LEU A 148 14.02 -21.98 -14.09
C LEU A 148 12.70 -21.63 -14.75
N VAL A 149 11.93 -20.74 -14.11
CA VAL A 149 10.57 -20.40 -14.54
C VAL A 149 10.66 -19.03 -15.22
N LYS A 150 10.87 -19.02 -16.53
CA LYS A 150 11.32 -17.83 -17.24
C LYS A 150 10.20 -17.19 -18.05
N ASP A 151 10.22 -15.83 -18.09
CA ASP A 151 9.43 -15.03 -19.03
C ASP A 151 7.93 -15.27 -18.88
N TYR A 152 7.39 -14.90 -17.72
CA TYR A 152 5.96 -14.98 -17.52
C TYR A 152 5.45 -13.61 -17.09
N PHE A 153 4.14 -13.41 -17.22
CA PHE A 153 3.57 -12.13 -16.82
C PHE A 153 2.08 -12.33 -16.62
N PRO A 154 1.50 -11.73 -15.58
CA PRO A 154 2.14 -11.01 -14.49
C PRO A 154 2.50 -11.99 -13.36
N GLU A 155 2.97 -11.46 -12.21
CA GLU A 155 3.03 -12.22 -10.97
C GLU A 155 1.62 -12.66 -10.56
N PRO A 156 1.51 -13.73 -9.74
CA PRO A 156 2.57 -14.55 -9.18
C PRO A 156 2.61 -15.94 -9.80
N VAL A 157 3.67 -16.71 -9.58
CA VAL A 157 3.68 -18.15 -9.83
C VAL A 157 3.95 -18.84 -8.51
N THR A 158 3.45 -20.06 -8.39
CA THR A 158 3.79 -20.94 -7.26
C THR A 158 4.50 -22.16 -7.83
N VAL A 159 5.43 -22.71 -7.03
CA VAL A 159 6.16 -23.92 -7.40
C VAL A 159 6.03 -24.91 -6.26
N SER A 160 5.62 -26.14 -6.60
CA SER A 160 5.79 -27.27 -5.70
C SER A 160 6.76 -28.27 -6.35
N TRP A 161 7.11 -29.30 -5.59
CA TRP A 161 7.98 -30.35 -6.09
C TRP A 161 7.35 -31.69 -5.78
N ASN A 162 7.26 -32.54 -6.79
CA ASN A 162 6.64 -33.85 -6.66
C ASN A 162 5.24 -33.73 -6.07
N SER A 163 4.47 -32.80 -6.63
CA SER A 163 3.09 -32.53 -6.21
C SER A 163 3.02 -32.25 -4.72
N GLY A 164 4.06 -31.63 -4.18
CA GLY A 164 4.05 -31.21 -2.79
C GLY A 164 4.54 -32.25 -1.83
N ALA A 165 4.91 -33.44 -2.30
CA ALA A 165 5.52 -34.42 -1.42
C ALA A 165 6.99 -34.12 -1.14
N LEU A 166 7.60 -33.22 -1.89
CA LEU A 166 8.99 -32.82 -1.71
C LEU A 166 9.00 -31.41 -1.15
N THR A 167 9.28 -31.28 0.15
CA THR A 167 9.36 -29.98 0.80
C THR A 167 10.69 -29.72 1.50
N SER A 168 11.33 -30.74 2.07
CA SER A 168 12.63 -30.54 2.69
C SER A 168 13.63 -29.96 1.69
N GLY A 169 14.31 -28.89 2.09
CA GLY A 169 15.37 -28.34 1.27
C GLY A 169 14.97 -27.61 0.01
N VAL A 170 13.68 -27.29 -0.17
CA VAL A 170 13.25 -26.50 -1.32
C VAL A 170 13.48 -25.02 -1.04
N HIS A 171 14.08 -24.32 -1.99
CA HIS A 171 14.13 -22.86 -1.94
C HIS A 171 13.50 -22.31 -3.22
N THR A 172 12.40 -21.58 -3.08
CA THR A 172 11.79 -20.90 -4.22
C THR A 172 12.05 -19.40 -4.08
N PHE A 173 12.72 -18.84 -5.02
CA PHE A 173 13.21 -17.48 -4.91
C PHE A 173 12.22 -16.45 -5.44
N PRO A 174 12.27 -15.24 -4.89
CA PRO A 174 11.48 -14.14 -5.46
C PRO A 174 11.80 -13.93 -6.94
N ALA A 175 10.76 -13.66 -7.71
CA ALA A 175 10.97 -13.35 -9.12
C ALA A 175 11.76 -12.07 -9.27
N VAL A 176 12.46 -11.95 -10.38
CA VAL A 176 13.04 -10.69 -10.80
C VAL A 176 12.29 -10.22 -12.04
N LEU A 177 12.27 -8.89 -12.24
CA LEU A 177 11.59 -8.26 -13.38
C LEU A 177 12.64 -7.90 -14.42
N GLN A 178 12.59 -8.56 -15.57
CA GLN A 178 13.61 -8.35 -16.60
C GLN A 178 13.28 -7.10 -17.40
N SER A 179 14.20 -6.67 -18.26
CA SER A 179 13.91 -5.43 -18.97
C SER A 179 12.88 -5.64 -20.07
N SER A 180 12.64 -6.89 -20.45
CA SER A 180 11.51 -7.21 -21.31
C SER A 180 10.16 -6.84 -20.68
N GLY A 181 10.11 -6.62 -19.37
CA GLY A 181 8.85 -6.50 -18.65
C GLY A 181 8.27 -7.83 -18.19
N LEU A 182 8.95 -8.93 -18.48
CA LEU A 182 8.52 -10.26 -18.06
C LEU A 182 9.30 -10.67 -16.81
N TYR A 183 8.70 -11.54 -16.02
CA TYR A 183 9.30 -12.02 -14.78
C TYR A 183 10.03 -13.35 -15.01
N SER A 184 11.01 -13.59 -14.15
CA SER A 184 11.72 -14.90 -14.13
C SER A 184 11.96 -15.30 -12.68
N LEU A 185 11.76 -16.58 -12.36
CA LEU A 185 11.90 -17.10 -10.97
C LEU A 185 12.62 -18.45 -11.03
N SER A 186 13.33 -18.79 -9.98
CA SER A 186 13.98 -20.11 -9.90
C SER A 186 13.52 -20.83 -8.64
N SER A 187 13.37 -22.14 -8.72
CA SER A 187 13.10 -22.95 -7.54
C SER A 187 14.12 -24.07 -7.55
N VAL A 188 14.72 -24.32 -6.39
CA VAL A 188 15.77 -25.32 -6.27
C VAL A 188 15.47 -26.22 -5.08
N VAL A 189 16.08 -27.39 -5.11
CA VAL A 189 15.94 -28.34 -4.04
C VAL A 189 17.25 -29.12 -3.96
N THR A 190 17.71 -29.37 -2.73
CA THR A 190 18.84 -30.25 -2.50
C THR A 190 18.33 -31.59 -2.00
N VAL A 191 18.84 -32.67 -2.57
CA VAL A 191 18.33 -34.02 -2.34
C VAL A 191 19.53 -34.94 -2.12
N PRO A 192 19.33 -36.17 -1.66
CA PRO A 192 20.46 -37.11 -1.61
C PRO A 192 21.05 -37.35 -3.00
N SER A 193 22.37 -37.23 -3.10
CA SER A 193 23.02 -37.48 -4.39
C SER A 193 22.80 -38.93 -4.86
N SER A 194 22.64 -39.88 -3.93
CA SER A 194 22.43 -41.27 -4.34
C SER A 194 21.04 -41.49 -4.94
N SER A 195 20.09 -40.58 -4.69
CA SER A 195 18.75 -40.68 -5.27
C SER A 195 18.69 -40.28 -6.75
N LEU A 196 19.75 -39.72 -7.32
CA LEU A 196 19.61 -39.07 -8.63
C LEU A 196 19.23 -40.05 -9.74
N GLY A 197 19.84 -41.23 -9.77
CA GLY A 197 19.41 -42.14 -10.83
C GLY A 197 18.05 -42.77 -10.60
N THR A 198 17.49 -42.64 -9.41
CA THR A 198 16.41 -43.52 -9.00
C THR A 198 15.13 -42.81 -8.61
N GLN A 199 15.19 -41.59 -8.07
CA GLN A 199 14.01 -40.85 -7.63
C GLN A 199 13.63 -39.84 -8.69
N THR A 200 12.35 -39.83 -9.06
CA THR A 200 11.88 -38.85 -10.03
C THR A 200 11.64 -37.51 -9.33
N TYR A 201 12.12 -36.43 -9.93
CA TYR A 201 11.94 -35.09 -9.41
C TYR A 201 11.22 -34.24 -10.45
N ILE A 202 10.04 -33.76 -10.08
CA ILE A 202 9.19 -32.94 -10.95
C ILE A 202 8.83 -31.65 -10.22
N CYS A 203 9.05 -30.51 -10.86
CA CYS A 203 8.56 -29.25 -10.31
C CYS A 203 7.22 -28.93 -10.94
N ASN A 204 6.28 -28.51 -10.11
CA ASN A 204 4.94 -28.17 -10.54
C ASN A 204 4.81 -26.66 -10.45
N VAL A 205 4.79 -25.99 -11.59
CA VAL A 205 4.71 -24.53 -11.65
C VAL A 205 3.26 -24.17 -11.96
N ASN A 206 2.63 -23.38 -11.09
CA ASN A 206 1.29 -22.90 -11.35
C ASN A 206 1.34 -21.41 -11.62
N HIS A 207 0.86 -20.99 -12.79
CA HIS A 207 0.73 -19.57 -13.13
C HIS A 207 -0.75 -19.27 -13.35
N LYS A 208 -1.46 -19.04 -12.24
CA LYS A 208 -2.88 -18.72 -12.32
C LYS A 208 -3.23 -17.51 -13.20
N PRO A 209 -2.43 -16.44 -13.22
CA PRO A 209 -2.77 -15.32 -14.13
C PRO A 209 -2.96 -15.70 -15.59
N SER A 210 -2.24 -16.69 -16.11
CA SER A 210 -2.47 -17.14 -17.48
C SER A 210 -3.16 -18.50 -17.54
N ASN A 211 -3.67 -19.00 -16.41
CA ASN A 211 -4.31 -20.32 -16.34
C ASN A 211 -3.42 -21.41 -16.94
N THR A 212 -2.11 -21.31 -16.67
CA THR A 212 -1.15 -22.30 -17.11
C THR A 212 -0.57 -23.01 -15.91
N LYS A 213 -0.53 -24.33 -15.97
CA LYS A 213 0.19 -25.15 -15.01
C LYS A 213 1.15 -26.03 -15.80
N VAL A 214 2.43 -26.01 -15.42
CA VAL A 214 3.49 -26.75 -16.11
C VAL A 214 4.13 -27.69 -15.10
N ASP A 215 4.20 -28.97 -15.46
CA ASP A 215 4.97 -29.96 -14.72
C ASP A 215 6.21 -30.30 -15.54
N LYS A 216 7.38 -30.19 -14.91
CA LYS A 216 8.66 -30.42 -15.57
C LYS A 216 9.42 -31.48 -14.81
N ARG A 217 9.76 -32.58 -15.50
CA ARG A 217 10.65 -33.58 -14.94
C ARG A 217 12.10 -33.13 -15.13
N VAL A 218 12.86 -33.10 -14.04
CA VAL A 218 14.25 -32.66 -14.08
C VAL A 218 15.13 -33.90 -13.98
N GLU A 219 15.78 -34.26 -15.10
CA GLU A 219 16.60 -35.46 -15.17
C GLU A 219 18.08 -35.10 -15.06
N PRO A 220 18.89 -35.97 -14.47
CA PRO A 220 20.31 -35.65 -14.30
C PRO A 220 21.03 -35.57 -15.64
N LYS A 221 22.13 -34.83 -15.65
CA LYS A 221 22.97 -34.75 -16.85
C LYS A 221 23.89 -35.96 -16.94
N ILE B 2 1.40 15.43 8.84
CA ILE B 2 2.40 15.21 9.89
C ILE B 2 3.47 14.26 9.43
N GLN B 3 4.72 14.64 9.63
CA GLN B 3 5.85 13.85 9.20
C GLN B 3 6.29 12.91 10.31
N VAL B 4 6.79 11.75 9.90
CA VAL B 4 7.10 10.63 10.79
C VAL B 4 8.46 10.07 10.39
N THR B 5 9.34 9.86 11.37
CA THR B 5 10.62 9.19 11.15
C THR B 5 10.67 7.96 12.03
N GLN B 6 10.66 6.78 11.43
CA GLN B 6 10.69 5.52 12.17
C GLN B 6 12.09 4.94 12.16
N SER B 7 12.57 4.49 13.32
CA SER B 7 13.94 3.99 13.51
C SER B 7 13.95 2.72 14.32
N PRO B 8 14.91 1.79 14.03
CA PRO B 8 15.82 1.79 12.87
C PRO B 8 15.14 1.17 11.67
N SER B 9 15.70 1.31 10.47
CA SER B 9 15.07 0.66 9.32
C SER B 9 15.16 -0.85 9.44
N SER B 10 16.20 -1.38 10.09
CA SER B 10 16.31 -2.80 10.32
C SER B 10 17.18 -3.05 11.54
N LEU B 11 16.93 -4.18 12.17
CA LEU B 11 17.74 -4.62 13.29
C LEU B 11 17.72 -6.14 13.28
N SER B 12 18.74 -6.73 13.88
CA SER B 12 18.78 -8.18 14.03
C SER B 12 18.96 -8.48 15.49
N ALA B 13 18.32 -9.57 15.94
CA ALA B 13 18.36 -9.91 17.35
C ALA B 13 18.10 -11.40 17.46
N SER B 14 18.21 -11.91 18.70
CA SER B 14 18.07 -13.33 18.98
C SER B 14 16.73 -13.59 19.66
N VAL B 15 16.26 -14.83 19.53
CA VAL B 15 15.10 -15.24 20.30
C VAL B 15 15.34 -14.90 21.76
N GLY B 16 14.36 -14.28 22.39
CA GLY B 16 14.42 -14.01 23.79
C GLY B 16 14.96 -12.65 24.20
N ASP B 17 15.68 -11.95 23.34
CA ASP B 17 16.15 -10.67 23.84
C ASP B 17 15.16 -9.55 23.48
N ARG B 18 15.44 -8.35 23.99
CA ARG B 18 14.50 -7.25 24.00
C ARG B 18 14.85 -6.27 22.90
N VAL B 19 13.86 -5.91 22.07
CA VAL B 19 14.05 -4.98 20.97
C VAL B 19 13.09 -3.79 21.13
N THR B 20 13.54 -2.64 20.66
CA THR B 20 12.81 -1.39 20.79
C THR B 20 12.80 -0.67 19.45
N ILE B 21 11.61 -0.25 19.02
CA ILE B 21 11.40 0.40 17.72
C ILE B 21 10.76 1.76 18.01
N THR B 22 11.28 2.81 17.40
CA THR B 22 10.76 4.12 17.72
C THR B 22 10.21 4.83 16.49
N CYS B 23 9.31 5.75 16.78
CA CYS B 23 8.58 6.52 15.78
C CYS B 23 8.52 7.94 16.31
N ARG B 24 9.05 8.89 15.53
CA ARG B 24 9.06 10.30 15.92
C ARG B 24 8.14 11.09 14.99
N ALA B 25 7.30 11.94 15.58
CA ALA B 25 6.39 12.80 14.82
C ALA B 25 6.91 14.23 14.77
N SER B 26 6.61 14.93 13.66
CA SER B 26 7.03 16.31 13.49
C SER B 26 6.27 17.29 14.36
N GLN B 27 5.25 16.85 15.10
CA GLN B 27 4.61 17.70 16.11
C GLN B 27 3.85 16.81 17.09
N GLY B 28 3.41 17.41 18.19
CA GLY B 28 2.70 16.65 19.21
C GLY B 28 1.42 16.04 18.66
N ILE B 29 1.17 14.78 19.03
CA ILE B 29 0.03 14.05 18.47
C ILE B 29 -0.84 13.39 19.53
N SER B 30 -0.66 13.78 20.80
CA SER B 30 -1.34 13.12 21.94
C SER B 30 -0.89 11.67 21.94
N ASN B 31 -1.78 10.71 21.91
CA ASN B 31 -1.41 9.32 21.72
C ASN B 31 -2.09 8.75 20.48
N TYR B 32 -2.20 9.57 19.42
CA TYR B 32 -2.93 9.16 18.23
C TYR B 32 -1.98 8.41 17.30
N LEU B 33 -1.69 7.15 17.67
CA LEU B 33 -0.71 6.33 17.00
C LEU B 33 -1.13 4.87 17.12
N ALA B 34 -0.78 4.07 16.12
CA ALA B 34 -0.97 2.63 16.13
C ALA B 34 0.28 1.96 15.59
N TRP B 35 0.51 0.73 16.04
CA TRP B 35 1.56 -0.14 15.55
C TRP B 35 0.92 -1.34 14.88
N TYR B 36 1.47 -1.72 13.73
CA TYR B 36 1.04 -2.88 12.95
C TYR B 36 2.24 -3.79 12.71
N GLN B 37 1.94 -5.08 12.54
CA GLN B 37 2.92 -6.10 12.16
C GLN B 37 2.59 -6.63 10.77
N GLN B 38 3.60 -6.83 9.94
CA GLN B 38 3.38 -7.42 8.64
C GLN B 38 4.48 -8.43 8.34
N LYS B 39 4.09 -9.58 7.96
CA LYS B 39 4.99 -10.63 7.50
C LYS B 39 4.95 -10.73 5.98
N PRO B 40 6.01 -11.21 5.33
CA PRO B 40 6.04 -11.17 3.86
C PRO B 40 4.83 -11.91 3.28
N GLY B 41 4.21 -11.29 2.28
CA GLY B 41 3.03 -11.87 1.65
C GLY B 41 1.78 -11.95 2.50
N LYS B 42 1.77 -11.30 3.66
CA LYS B 42 0.60 -11.37 4.54
C LYS B 42 0.07 -9.96 4.75
N VAL B 43 -1.11 -9.91 5.35
CA VAL B 43 -1.87 -8.69 5.54
C VAL B 43 -1.32 -7.97 6.76
N PRO B 44 -1.24 -6.64 6.79
CA PRO B 44 -0.88 -5.97 8.04
C PRO B 44 -1.86 -6.33 9.15
N LYS B 45 -1.33 -6.44 10.37
CA LYS B 45 -2.12 -6.82 11.53
C LYS B 45 -1.93 -5.79 12.64
N LEU B 46 -3.05 -5.31 13.19
CA LEU B 46 -3.01 -4.32 14.25
C LEU B 46 -2.52 -4.95 15.55
N LEU B 47 -1.54 -4.31 16.19
CA LEU B 47 -1.04 -4.74 17.49
C LEU B 47 -1.42 -3.80 18.61
N ILE B 48 -1.23 -2.50 18.41
CA ILE B 48 -1.40 -1.49 19.45
C ILE B 48 -2.04 -0.25 18.83
N TYR B 49 -2.89 0.43 19.59
CA TYR B 49 -3.45 1.71 19.15
C TYR B 49 -3.56 2.62 20.37
N GLY B 50 -3.75 3.92 20.13
CA GLY B 50 -3.68 4.84 21.24
C GLY B 50 -2.32 4.87 21.86
N ALA B 51 -1.31 4.46 21.09
CA ALA B 51 0.11 4.41 21.43
C ALA B 51 0.47 3.34 22.46
N SER B 52 -0.50 2.90 23.29
CA SER B 52 -0.14 2.00 24.39
C SER B 52 -1.19 0.96 24.73
N THR B 53 -2.32 0.91 24.03
CA THR B 53 -3.36 -0.06 24.29
C THR B 53 -3.13 -1.28 23.39
N LEU B 54 -2.88 -2.43 24.00
CA LEU B 54 -2.79 -3.67 23.25
C LEU B 54 -4.13 -4.01 22.62
N GLN B 55 -4.10 -4.46 21.37
CA GLN B 55 -5.28 -5.11 20.81
C GLN B 55 -5.51 -6.45 21.50
N SER B 56 -6.78 -6.81 21.65
CA SER B 56 -7.15 -7.99 22.43
C SER B 56 -6.50 -9.25 21.85
N GLY B 57 -5.90 -10.05 22.73
CA GLY B 57 -5.23 -11.27 22.32
C GLY B 57 -3.81 -11.09 21.83
N VAL B 58 -3.33 -9.86 21.69
CA VAL B 58 -1.90 -9.67 21.42
C VAL B 58 -1.10 -10.09 22.66
N PRO B 59 -0.04 -10.89 22.50
CA PRO B 59 0.70 -11.37 23.68
C PRO B 59 1.37 -10.25 24.46
N SER B 60 1.56 -10.52 25.75
CA SER B 60 2.03 -9.52 26.70
C SER B 60 3.44 -9.02 26.41
N ARG B 61 4.24 -9.73 25.62
CA ARG B 61 5.59 -9.23 25.33
C ARG B 61 5.59 -7.91 24.56
N PHE B 62 4.44 -7.51 23.98
CA PHE B 62 4.35 -6.27 23.22
C PHE B 62 3.83 -5.16 24.12
N SER B 63 4.49 -4.00 24.06
CA SER B 63 3.94 -2.83 24.74
C SER B 63 4.36 -1.60 23.96
N GLY B 64 3.56 -0.55 24.09
CA GLY B 64 3.88 0.72 23.46
C GLY B 64 3.79 1.82 24.50
N SER B 65 4.59 2.86 24.29
CA SER B 65 4.58 4.00 25.21
C SER B 65 5.06 5.24 24.47
N GLY B 66 5.05 6.37 25.17
CA GLY B 66 5.45 7.62 24.60
C GLY B 66 4.29 8.59 24.55
N SER B 67 4.58 9.89 24.60
CA SER B 67 3.57 10.89 24.33
C SER B 67 4.25 12.14 23.80
N GLY B 68 3.44 12.99 23.16
CA GLY B 68 3.98 14.13 22.47
C GLY B 68 4.44 13.74 21.08
N THR B 69 5.75 13.55 20.91
CA THR B 69 6.33 13.32 19.61
C THR B 69 7.12 12.02 19.47
N ASP B 70 7.41 11.34 20.57
CA ASP B 70 8.34 10.20 20.60
C ASP B 70 7.59 8.98 21.12
N PHE B 71 7.59 7.90 20.34
CA PHE B 71 6.83 6.72 20.69
C PHE B 71 7.66 5.47 20.47
N THR B 72 7.41 4.46 21.30
CA THR B 72 8.22 3.27 21.29
C THR B 72 7.34 2.03 21.28
N LEU B 73 7.63 1.12 20.36
CA LEU B 73 7.11 -0.25 20.44
C LEU B 73 8.22 -1.12 21.05
N THR B 74 7.89 -1.83 22.13
CA THR B 74 8.87 -2.69 22.76
C THR B 74 8.40 -4.13 22.73
N ILE B 75 9.26 -5.03 22.26
CA ILE B 75 9.03 -6.47 22.35
C ILE B 75 10.01 -6.98 23.40
N SER B 76 9.46 -7.40 24.54
CA SER B 76 10.31 -7.63 25.71
C SER B 76 11.16 -8.90 25.54
N SER B 77 10.62 -9.93 24.89
CA SER B 77 11.41 -11.13 24.63
C SER B 77 10.95 -11.74 23.31
N LEU B 78 11.77 -11.59 22.27
CA LEU B 78 11.38 -12.02 20.93
C LEU B 78 11.10 -13.51 20.88
N GLN B 79 9.95 -13.86 20.35
CA GLN B 79 9.63 -15.21 19.91
C GLN B 79 9.93 -15.35 18.42
N PRO B 80 10.05 -16.59 17.90
CA PRO B 80 10.36 -16.74 16.47
C PRO B 80 9.30 -16.14 15.55
N GLU B 81 8.03 -16.20 15.95
CA GLU B 81 6.94 -15.63 15.13
C GLU B 81 7.00 -14.12 15.06
N ASP B 82 7.84 -13.44 15.86
CA ASP B 82 7.90 -11.98 15.87
C ASP B 82 8.85 -11.41 14.83
N PHE B 83 9.63 -12.22 14.15
CA PHE B 83 10.53 -11.66 13.16
C PHE B 83 9.71 -11.32 11.92
N ALA B 84 9.60 -10.02 11.64
CA ALA B 84 8.59 -9.45 10.75
C ALA B 84 8.83 -7.95 10.63
N THR B 85 8.01 -7.26 9.85
CA THR B 85 8.16 -5.81 9.71
C THR B 85 7.08 -5.13 10.54
N TYR B 86 7.46 -3.99 11.13
CA TYR B 86 6.58 -3.22 11.99
C TYR B 86 6.48 -1.80 11.44
N TYR B 87 5.26 -1.27 11.46
CA TYR B 87 4.96 0.08 10.99
C TYR B 87 4.25 0.84 12.09
N CYS B 88 4.68 2.06 12.35
CA CYS B 88 3.78 2.92 13.11
C CYS B 88 2.87 3.64 12.14
N GLN B 89 1.74 4.11 12.67
CA GLN B 89 0.81 4.96 11.96
C GLN B 89 0.43 6.10 12.88
N ILE B 90 0.59 7.32 12.38
CA ILE B 90 0.26 8.55 13.10
C ILE B 90 -0.67 9.31 12.18
N TYR B 91 -1.93 9.46 12.61
CA TYR B 91 -2.98 9.92 11.71
C TYR B 91 -2.89 9.20 10.37
N GLU B 92 -2.72 9.90 9.26
CA GLU B 92 -2.71 9.19 7.98
C GLU B 92 -1.31 8.80 7.52
N THR B 93 -0.27 9.12 8.27
CA THR B 93 1.11 8.88 7.87
C THR B 93 1.61 7.54 8.44
N PHE B 94 2.10 6.65 7.57
CA PHE B 94 2.77 5.43 8.01
C PHE B 94 4.27 5.65 8.15
N GLY B 95 4.86 5.04 9.17
CA GLY B 95 6.31 5.06 9.26
C GLY B 95 6.94 4.23 8.15
N GLN B 96 8.26 4.41 8.00
CA GLN B 96 8.98 3.75 6.94
C GLN B 96 9.09 2.25 7.13
N GLY B 97 8.86 1.75 8.35
CA GLY B 97 8.94 0.32 8.58
C GLY B 97 10.27 -0.10 9.20
N THR B 98 10.18 -1.07 10.13
CA THR B 98 11.33 -1.69 10.76
C THR B 98 11.23 -3.20 10.57
N LYS B 99 12.24 -3.80 9.93
CA LYS B 99 12.28 -5.25 9.77
C LYS B 99 13.18 -5.87 10.85
N VAL B 100 12.64 -6.86 11.56
CA VAL B 100 13.34 -7.52 12.65
C VAL B 100 13.83 -8.87 12.13
N ASP B 101 15.14 -9.00 11.97
CA ASP B 101 15.84 -10.18 11.48
C ASP B 101 16.41 -11.01 12.63
N ILE B 102 16.66 -12.28 12.36
CA ILE B 102 17.22 -13.21 13.39
C ILE B 102 18.74 -13.22 13.36
N LYS B 103 19.37 -13.01 14.51
CA LYS B 103 20.84 -13.10 14.61
C LYS B 103 21.27 -14.57 14.62
N ARG B 104 22.36 -14.90 13.94
CA ARG B 104 22.94 -16.28 13.96
C ARG B 104 24.42 -16.20 13.57
N THR B 105 25.15 -17.31 13.65
CA THR B 105 26.57 -17.26 13.33
C THR B 105 26.77 -17.20 11.82
N VAL B 106 27.94 -16.70 11.43
CA VAL B 106 28.29 -16.67 10.01
C VAL B 106 28.29 -18.09 9.46
N ALA B 107 27.77 -18.23 8.24
CA ALA B 107 27.72 -19.50 7.52
C ALA B 107 28.14 -19.25 6.08
N ALA B 108 29.07 -20.04 5.61
CA ALA B 108 29.53 -19.90 4.24
C ALA B 108 28.52 -20.52 3.28
N PRO B 109 28.37 -19.98 2.08
CA PRO B 109 27.40 -20.54 1.12
C PRO B 109 27.91 -21.80 0.45
N SER B 110 26.98 -22.71 0.16
CA SER B 110 27.25 -23.77 -0.81
C SER B 110 26.95 -23.20 -2.19
N VAL B 111 27.92 -23.28 -3.09
CA VAL B 111 27.82 -22.60 -4.38
C VAL B 111 27.68 -23.65 -5.47
N PHE B 112 26.66 -23.49 -6.30
CA PHE B 112 26.38 -24.39 -7.40
C PHE B 112 26.12 -23.56 -8.65
N ILE B 113 26.41 -24.16 -9.81
CA ILE B 113 26.13 -23.51 -11.08
C ILE B 113 25.40 -24.48 -12.00
N PHE B 114 24.57 -23.91 -12.87
CA PHE B 114 23.73 -24.68 -13.80
C PHE B 114 23.89 -24.07 -15.19
N PRO B 115 24.38 -24.83 -16.16
CA PRO B 115 24.45 -24.33 -17.53
C PRO B 115 23.06 -24.15 -18.11
N PRO B 116 22.94 -23.45 -19.24
CA PRO B 116 21.61 -23.36 -19.90
C PRO B 116 21.13 -24.74 -20.32
N SER B 117 19.82 -24.93 -20.25
CA SER B 117 19.26 -26.18 -20.74
C SER B 117 19.29 -26.23 -22.27
N ASP B 118 19.26 -27.44 -22.81
CA ASP B 118 19.16 -27.55 -24.27
C ASP B 118 17.86 -26.95 -24.78
N GLU B 119 16.74 -27.19 -24.08
CA GLU B 119 15.47 -26.69 -24.59
C GLU B 119 15.48 -25.17 -24.64
N GLN B 120 16.07 -24.50 -23.63
CA GLN B 120 16.21 -23.06 -23.73
C GLN B 120 17.11 -22.68 -24.91
N LEU B 121 18.23 -23.38 -25.08
CA LEU B 121 19.18 -23.00 -26.11
C LEU B 121 18.54 -23.00 -27.49
N LYS B 122 17.74 -24.03 -27.79
CA LYS B 122 17.04 -24.10 -29.07
C LYS B 122 16.21 -22.85 -29.34
N SER B 123 15.69 -22.22 -28.28
CA SER B 123 14.90 -21.01 -28.47
C SER B 123 15.75 -19.75 -28.52
N GLY B 124 17.07 -19.87 -28.62
CA GLY B 124 17.92 -18.73 -28.93
C GLY B 124 18.41 -17.92 -27.75
N THR B 125 18.18 -18.37 -26.53
CA THR B 125 18.62 -17.67 -25.32
C THR B 125 19.35 -18.64 -24.41
N ALA B 126 20.33 -18.13 -23.67
CA ALA B 126 21.06 -18.94 -22.71
C ALA B 126 20.99 -18.25 -21.35
N SER B 127 20.40 -18.92 -20.38
CA SER B 127 20.44 -18.46 -19.00
C SER B 127 21.33 -19.40 -18.19
N VAL B 128 22.37 -18.84 -17.57
CA VAL B 128 23.21 -19.54 -16.60
C VAL B 128 22.75 -19.16 -15.21
N VAL B 129 22.60 -20.14 -14.33
CA VAL B 129 22.10 -19.90 -12.99
C VAL B 129 23.16 -20.27 -11.96
N CYS B 130 23.45 -19.32 -11.06
CA CYS B 130 24.31 -19.54 -9.90
C CYS B 130 23.46 -19.59 -8.64
N LEU B 131 23.72 -20.58 -7.78
CA LEU B 131 22.98 -20.80 -6.55
C LEU B 131 23.92 -20.72 -5.34
N LEU B 132 23.59 -19.85 -4.38
CA LEU B 132 24.32 -19.75 -3.12
C LEU B 132 23.38 -20.26 -2.04
N ASN B 133 23.72 -21.38 -1.44
CA ASN B 133 22.76 -22.09 -0.60
C ASN B 133 23.13 -21.93 0.87
N ASN B 134 22.19 -21.40 1.66
CA ASN B 134 22.23 -21.44 3.12
C ASN B 134 23.49 -20.74 3.67
N PHE B 135 23.53 -19.42 3.51
CA PHE B 135 24.61 -18.61 4.03
C PHE B 135 24.06 -17.50 4.93
N TYR B 136 25.00 -16.80 5.58
CA TYR B 136 24.75 -15.75 6.57
C TYR B 136 26.04 -14.99 6.82
N PRO B 137 25.99 -13.66 6.94
CA PRO B 137 24.81 -12.79 6.86
C PRO B 137 24.33 -12.62 5.42
N ARG B 138 23.32 -11.76 5.25
CA ARG B 138 22.73 -11.53 3.94
C ARG B 138 23.73 -11.02 2.94
N GLU B 139 24.71 -10.23 3.38
CA GLU B 139 25.59 -9.53 2.44
C GLU B 139 26.60 -10.50 1.84
N ALA B 140 26.53 -10.68 0.51
CA ALA B 140 27.53 -11.40 -0.26
C ALA B 140 27.64 -10.78 -1.64
N LYS B 141 28.85 -10.82 -2.20
CA LYS B 141 29.12 -10.19 -3.50
C LYS B 141 29.15 -11.29 -4.54
N VAL B 142 28.19 -11.25 -5.46
CA VAL B 142 28.09 -12.25 -6.52
C VAL B 142 28.51 -11.56 -7.79
N GLN B 143 29.51 -12.11 -8.47
CA GLN B 143 29.93 -11.57 -9.75
C GLN B 143 29.92 -12.67 -10.80
N TRP B 144 29.58 -12.29 -12.03
CA TRP B 144 29.67 -13.17 -13.18
C TRP B 144 30.90 -12.81 -13.98
N LYS B 145 31.62 -13.83 -14.44
CA LYS B 145 32.79 -13.66 -15.30
C LYS B 145 32.68 -14.65 -16.44
N VAL B 146 32.89 -14.18 -17.67
CA VAL B 146 32.91 -15.09 -18.81
C VAL B 146 34.26 -14.94 -19.48
N ASP B 147 34.93 -16.07 -19.70
CA ASP B 147 36.33 -16.08 -20.07
C ASP B 147 37.11 -15.10 -19.19
N ASN B 148 36.79 -15.12 -17.89
CA ASN B 148 37.45 -14.35 -16.84
C ASN B 148 37.19 -12.84 -16.91
N ALA B 149 36.23 -12.37 -17.72
CA ALA B 149 35.93 -10.94 -17.78
C ALA B 149 34.66 -10.63 -17.01
N LEU B 150 34.70 -9.60 -16.17
CA LEU B 150 33.53 -9.23 -15.37
C LEU B 150 32.40 -8.75 -16.27
N GLN B 151 31.18 -9.21 -15.97
CA GLN B 151 30.01 -8.96 -16.84
C GLN B 151 29.24 -7.70 -16.44
N SER B 152 28.77 -7.60 -15.21
CA SER B 152 28.19 -6.35 -14.72
C SER B 152 27.25 -5.65 -15.73
N GLY B 153 26.03 -6.18 -15.91
CA GLY B 153 25.02 -5.60 -16.78
C GLY B 153 24.03 -6.53 -17.43
N ASN B 154 24.20 -7.86 -17.30
CA ASN B 154 23.32 -8.82 -17.97
C ASN B 154 22.86 -9.92 -17.01
N SER B 155 22.74 -9.61 -15.72
CA SER B 155 22.39 -10.59 -14.71
C SER B 155 21.48 -9.96 -13.68
N GLN B 156 20.70 -10.79 -12.99
CA GLN B 156 19.85 -10.34 -11.90
C GLN B 156 19.82 -11.43 -10.82
N GLU B 157 19.60 -11.01 -9.57
CA GLU B 157 19.64 -11.88 -8.40
C GLU B 157 18.41 -11.64 -7.52
N SER B 158 18.07 -12.67 -6.73
CA SER B 158 17.12 -12.51 -5.66
C SER B 158 17.51 -13.43 -4.51
N VAL B 159 16.98 -13.12 -3.35
CA VAL B 159 17.40 -13.73 -2.10
C VAL B 159 16.14 -14.14 -1.37
N THR B 160 16.14 -15.35 -0.82
CA THR B 160 14.99 -15.75 -0.02
C THR B 160 14.95 -14.99 1.31
N GLU B 161 13.82 -15.11 2.01
CA GLU B 161 13.73 -14.68 3.39
C GLU B 161 14.45 -15.69 4.29
N GLN B 162 14.77 -15.26 5.51
CA GLN B 162 15.53 -16.12 6.41
C GLN B 162 14.81 -17.44 6.59
N ASP B 163 15.57 -18.53 6.44
CA ASP B 163 15.00 -19.86 6.49
C ASP B 163 14.37 -20.12 7.85
N SER B 164 13.18 -20.74 7.85
CA SER B 164 12.47 -20.96 9.10
C SER B 164 13.19 -21.92 10.03
N LYS B 165 14.06 -22.76 9.49
CA LYS B 165 14.72 -23.81 10.26
C LYS B 165 16.09 -23.39 10.78
N ASP B 166 16.93 -22.80 9.93
CA ASP B 166 18.30 -22.47 10.30
C ASP B 166 18.62 -20.99 10.18
N SER B 167 17.65 -20.14 9.85
CA SER B 167 17.82 -18.69 9.76
C SER B 167 18.87 -18.27 8.75
N THR B 168 19.18 -19.10 7.75
CA THR B 168 20.07 -18.67 6.68
C THR B 168 19.29 -18.04 5.52
N TYR B 169 20.06 -17.44 4.63
CA TYR B 169 19.58 -16.96 3.34
C TYR B 169 20.02 -17.91 2.24
N SER B 170 19.35 -17.79 1.09
CA SER B 170 19.79 -18.40 -0.15
C SER B 170 19.60 -17.39 -1.26
N LEU B 171 20.49 -17.47 -2.26
CA LEU B 171 20.54 -16.49 -3.33
C LEU B 171 20.64 -17.20 -4.66
N SER B 172 19.83 -16.73 -5.61
CA SER B 172 19.86 -17.17 -6.99
C SER B 172 20.23 -15.97 -7.85
N SER B 173 21.17 -16.17 -8.75
CA SER B 173 21.55 -15.16 -9.73
C SER B 173 21.50 -15.80 -11.10
N THR B 174 20.95 -15.07 -12.09
CA THR B 174 20.80 -15.57 -13.44
C THR B 174 21.57 -14.68 -14.42
N LEU B 175 22.50 -15.27 -15.15
CA LEU B 175 23.16 -14.60 -16.25
C LEU B 175 22.40 -14.97 -17.52
N THR B 176 22.01 -13.96 -18.30
CA THR B 176 21.24 -14.21 -19.50
C THR B 176 21.95 -13.61 -20.71
N LEU B 177 22.22 -14.44 -21.71
CA LEU B 177 22.86 -14.01 -22.94
C LEU B 177 22.09 -14.55 -24.14
N SER B 178 22.21 -13.84 -25.26
CA SER B 178 21.76 -14.43 -26.51
C SER B 178 22.55 -15.70 -26.79
N LYS B 179 21.90 -16.66 -27.44
CA LYS B 179 22.60 -17.89 -27.81
C LYS B 179 23.86 -17.57 -28.58
N ALA B 180 23.79 -16.64 -29.53
CA ALA B 180 24.96 -16.28 -30.32
C ALA B 180 26.12 -15.83 -29.42
N ASP B 181 25.84 -14.97 -28.42
CA ASP B 181 26.92 -14.54 -27.53
C ASP B 181 27.40 -15.68 -26.63
N TYR B 182 26.47 -16.54 -26.20
CA TYR B 182 26.84 -17.65 -25.33
C TYR B 182 27.85 -18.56 -26.00
N GLU B 183 27.75 -18.72 -27.32
CA GLU B 183 28.63 -19.58 -28.07
C GLU B 183 29.90 -18.88 -28.52
N LYS B 184 30.01 -17.56 -28.31
CA LYS B 184 31.26 -16.85 -28.51
C LYS B 184 32.29 -17.11 -27.40
N HIS B 185 31.89 -17.71 -26.27
CA HIS B 185 32.74 -17.82 -25.09
C HIS B 185 32.76 -19.25 -24.58
N LYS B 186 33.76 -19.51 -23.73
CA LYS B 186 34.04 -20.86 -23.25
C LYS B 186 33.74 -21.03 -21.77
N VAL B 187 34.35 -20.21 -20.91
CA VAL B 187 34.30 -20.42 -19.46
C VAL B 187 33.28 -19.48 -18.85
N TYR B 188 32.35 -20.07 -18.09
CA TYR B 188 31.30 -19.35 -17.39
C TYR B 188 31.45 -19.59 -15.90
N ALA B 189 31.46 -18.52 -15.11
CA ALA B 189 31.77 -18.60 -13.69
C ALA B 189 30.98 -17.58 -12.90
N CYS B 190 30.48 -17.97 -11.73
CA CYS B 190 30.07 -17.00 -10.72
C CYS B 190 31.03 -17.06 -9.54
N GLU B 191 31.45 -15.89 -9.09
CA GLU B 191 32.37 -15.73 -8.00
C GLU B 191 31.63 -15.08 -6.84
N VAL B 192 31.66 -15.75 -5.70
CA VAL B 192 30.95 -15.38 -4.49
C VAL B 192 32.00 -14.95 -3.47
N THR B 193 31.98 -13.68 -3.07
CA THR B 193 32.92 -13.16 -2.06
C THR B 193 32.17 -12.88 -0.76
N GLN B 194 32.63 -13.49 0.33
CA GLN B 194 32.07 -13.31 1.66
C GLN B 194 33.21 -13.27 2.68
N GLY B 195 33.74 -12.08 2.98
CA GLY B 195 34.52 -11.95 4.19
C GLY B 195 35.73 -12.85 4.32
N THR B 196 36.79 -12.60 3.56
CA THR B 196 38.02 -13.42 3.49
C THR B 196 37.81 -14.76 2.80
N THR B 197 36.70 -14.96 2.09
CA THR B 197 36.58 -16.13 1.23
C THR B 197 35.95 -15.70 -0.10
N SER B 198 36.60 -16.06 -1.20
CA SER B 198 35.96 -16.02 -2.51
C SER B 198 35.85 -17.46 -3.00
N VAL B 199 34.65 -17.83 -3.43
CA VAL B 199 34.38 -19.12 -4.06
C VAL B 199 33.93 -18.87 -5.49
N THR B 200 34.58 -19.54 -6.45
CA THR B 200 34.25 -19.42 -7.88
C THR B 200 33.84 -20.78 -8.44
N LYS B 201 32.57 -20.91 -8.84
CA LYS B 201 32.04 -22.09 -9.52
C LYS B 201 31.94 -21.82 -11.01
N SER B 202 32.35 -22.78 -11.81
CA SER B 202 32.43 -22.51 -13.24
C SER B 202 32.10 -23.77 -14.03
N PHE B 203 32.05 -23.61 -15.34
CA PHE B 203 32.00 -24.73 -16.27
C PHE B 203 32.49 -24.24 -17.62
N ASN B 204 32.85 -25.20 -18.48
CA ASN B 204 33.13 -24.91 -19.89
C ASN B 204 31.93 -25.31 -20.72
N ARG B 205 31.49 -24.39 -21.59
CA ARG B 205 30.28 -24.62 -22.38
C ARG B 205 30.36 -25.92 -23.16
N GLY B 206 31.54 -26.25 -23.67
CA GLY B 206 31.67 -27.45 -24.49
C GLY B 206 31.49 -28.76 -23.75
N GLU B 207 31.38 -28.74 -22.41
CA GLU B 207 31.22 -29.96 -21.64
C GLU B 207 29.97 -29.92 -20.76
N CYS B 208 29.02 -29.04 -21.07
CA CYS B 208 27.82 -28.87 -20.25
C CYS B 208 26.71 -28.13 -21.03
N ASP C 1 -22.86 42.81 -7.00
CA ASP C 1 -22.54 41.66 -7.84
C ASP C 1 -22.66 40.35 -7.03
N THR C 2 -23.22 39.33 -7.68
CA THR C 2 -23.67 38.13 -7.00
C THR C 2 -22.91 36.89 -7.49
N ILE C 3 -22.87 35.90 -6.60
CA ILE C 3 -22.52 34.54 -6.94
C ILE C 3 -23.85 33.82 -7.15
N THR C 4 -24.17 33.49 -8.41
CA THR C 4 -25.48 32.95 -8.75
C THR C 4 -25.35 31.44 -8.94
N LEU C 5 -25.86 30.66 -7.97
CA LEU C 5 -25.74 29.20 -7.94
C LEU C 5 -26.89 28.55 -8.69
N PRO C 6 -26.64 27.58 -9.58
CA PRO C 6 -27.74 26.79 -10.13
C PRO C 6 -28.23 25.79 -9.09
N CYS C 7 -29.55 25.63 -9.02
CA CYS C 7 -30.18 24.74 -8.05
C CYS C 7 -31.30 23.97 -8.72
N ARG C 8 -31.54 22.74 -8.24
CA ARG C 8 -32.56 21.87 -8.81
C ARG C 8 -33.18 21.06 -7.69
N PRO C 9 -34.52 20.96 -7.61
CA PRO C 9 -35.51 21.76 -8.35
C PRO C 9 -35.32 23.22 -8.01
N ALA C 10 -35.98 24.13 -8.71
CA ALA C 10 -35.87 25.54 -8.37
C ALA C 10 -36.46 25.83 -7.00
N PRO C 11 -35.69 26.35 -6.05
CA PRO C 11 -36.27 26.78 -4.78
C PRO C 11 -37.08 28.06 -4.96
N PRO C 12 -38.25 28.15 -4.34
CA PRO C 12 -39.03 29.40 -4.41
C PRO C 12 -38.43 30.47 -3.52
N PRO C 13 -38.81 31.74 -3.74
CA PRO C 13 -38.17 32.82 -2.98
C PRO C 13 -38.36 32.68 -1.48
N HIS C 14 -39.47 32.06 -1.04
CA HIS C 14 -39.71 31.84 0.38
C HIS C 14 -38.69 30.88 1.01
N CYS C 15 -37.93 30.14 0.21
CA CYS C 15 -36.88 29.27 0.73
C CYS C 15 -35.52 29.96 0.82
N SER C 16 -35.47 31.26 0.56
CA SER C 16 -34.26 32.04 0.82
C SER C 16 -33.92 31.98 2.30
N SER C 17 -32.63 32.06 2.62
CA SER C 17 -32.18 31.79 3.98
C SER C 17 -31.04 32.71 4.34
N ASN C 18 -30.63 32.63 5.59
CA ASN C 18 -29.40 33.25 6.05
C ASN C 18 -28.39 32.15 6.30
N ILE C 19 -27.21 32.31 5.71
CA ILE C 19 -26.11 31.39 5.98
C ILE C 19 -25.45 31.82 7.27
N THR C 20 -25.41 30.92 8.25
CA THR C 20 -24.92 31.19 9.59
C THR C 20 -23.67 30.39 9.94
N GLY C 21 -23.31 29.40 9.14
CA GLY C 21 -22.08 28.66 9.32
C GLY C 21 -21.81 27.76 8.14
N LEU C 22 -20.66 27.07 8.20
CA LEU C 22 -20.45 26.00 7.24
C LEU C 22 -19.61 24.92 7.89
N ILE C 23 -19.44 23.81 7.17
CA ILE C 23 -18.75 22.64 7.70
C ILE C 23 -17.81 22.08 6.62
N LEU C 24 -16.55 21.88 7.00
CA LEU C 24 -15.43 21.71 6.10
C LEU C 24 -14.71 20.41 6.43
N THR C 25 -14.04 19.87 5.42
CA THR C 25 -13.06 18.80 5.57
C THR C 25 -11.71 19.29 5.05
N ARG C 26 -10.65 19.03 5.83
CA ARG C 26 -9.30 19.42 5.45
C ARG C 26 -8.69 18.32 4.60
N GLN C 27 -8.09 18.70 3.47
CA GLN C 27 -7.57 17.68 2.56
C GLN C 27 -6.49 16.87 3.26
N GLY C 28 -6.57 15.56 3.16
CA GLY C 28 -5.61 14.72 3.82
C GLY C 28 -4.32 14.54 3.04
N GLY C 29 -3.27 14.15 3.77
CA GLY C 29 -2.02 13.69 3.17
C GLY C 29 -1.29 14.75 2.37
N TYR C 30 -1.41 16.00 2.78
CA TYR C 30 -0.82 17.10 1.96
C TYR C 30 0.62 17.34 2.41
N SER C 31 1.54 17.43 1.44
CA SER C 31 2.94 17.79 1.79
C SER C 31 2.92 19.16 2.48
N ASN C 32 1.95 20.01 2.11
CA ASN C 32 1.77 21.34 2.75
C ASN C 32 2.92 22.29 2.37
N ALA C 33 2.76 23.05 1.29
CA ALA C 33 3.77 24.10 0.99
C ALA C 33 3.30 25.35 1.73
N ASN C 34 3.34 25.33 3.06
CA ASN C 34 2.74 26.44 3.85
C ASN C 34 1.31 26.59 3.34
N THR C 35 0.72 25.48 2.88
CA THR C 35 -0.60 25.56 2.29
C THR C 35 -1.51 24.55 2.94
N VAL C 36 -2.76 24.94 3.19
CA VAL C 36 -3.78 24.04 3.72
C VAL C 36 -5.03 24.16 2.86
N ILE C 37 -5.59 23.02 2.49
CA ILE C 37 -6.70 22.93 1.56
C ILE C 37 -7.93 22.47 2.34
N PHE C 38 -9.08 23.10 2.06
CA PHE C 38 -10.35 22.72 2.67
C PHE C 38 -11.42 22.63 1.59
N ARG C 39 -12.35 21.68 1.79
CA ARG C 39 -13.48 21.40 0.94
C ARG C 39 -14.74 21.37 1.81
N PRO C 40 -15.93 21.51 1.21
CA PRO C 40 -17.15 21.22 1.99
C PRO C 40 -17.06 19.79 2.50
N SER C 41 -17.62 19.59 3.70
CA SER C 41 -17.32 18.39 4.49
C SER C 41 -17.56 17.11 3.71
N GLY C 42 -16.63 16.17 3.86
CA GLY C 42 -16.87 14.83 3.36
C GLY C 42 -17.64 13.94 4.31
N GLY C 43 -18.06 14.47 5.47
CA GLY C 43 -18.85 13.72 6.44
C GLY C 43 -20.34 13.72 6.11
N ASP C 44 -21.12 13.20 7.06
CA ASP C 44 -22.56 12.97 6.87
C ASP C 44 -23.38 13.80 7.85
N TRP C 45 -24.66 13.45 8.03
CA TRP C 45 -25.51 14.19 8.96
C TRP C 45 -24.96 14.22 10.37
N ARG C 46 -24.26 13.17 10.79
CA ARG C 46 -23.71 13.18 12.13
C ARG C 46 -22.65 14.27 12.28
N ASP C 47 -21.78 14.44 11.27
CA ASP C 47 -20.80 15.53 11.34
C ASP C 47 -21.51 16.88 11.49
N ILE C 48 -22.56 17.10 10.70
CA ILE C 48 -23.35 18.32 10.78
C ILE C 48 -23.93 18.49 12.19
N ALA C 49 -24.60 17.44 12.70
CA ALA C 49 -25.24 17.54 14.01
C ALA C 49 -24.25 17.86 15.11
N ARG C 50 -23.08 17.24 15.07
CA ARG C 50 -22.10 17.42 16.14
C ARG C 50 -21.60 18.85 16.25
N CYS C 51 -21.63 19.63 15.16
CA CYS C 51 -21.29 21.05 15.25
C CYS C 51 -22.22 21.80 16.21
N GLN C 52 -23.47 21.36 16.34
CA GLN C 52 -24.44 21.97 17.26
C GLN C 52 -24.58 23.46 16.98
N ILE C 53 -24.63 23.83 15.69
CA ILE C 53 -24.96 25.21 15.34
C ILE C 53 -26.12 25.27 14.34
N ALA C 54 -26.73 24.16 14.00
CA ALA C 54 -27.89 24.16 13.16
C ALA C 54 -29.11 24.72 13.90
N GLY C 55 -30.12 25.07 13.12
CA GLY C 55 -31.41 25.50 13.59
C GLY C 55 -32.41 24.45 13.20
N THR C 56 -33.64 24.85 12.89
CA THR C 56 -34.65 23.90 12.45
C THR C 56 -34.33 23.30 11.09
N VAL C 57 -33.80 24.12 10.15
CA VAL C 57 -33.64 23.73 8.76
C VAL C 57 -32.53 22.67 8.66
N VAL C 58 -32.77 21.62 7.89
CA VAL C 58 -31.76 20.60 7.63
C VAL C 58 -31.01 21.01 6.37
N SER C 59 -29.70 21.18 6.46
CA SER C 59 -28.95 21.58 5.28
C SER C 59 -27.55 20.99 5.36
N THR C 60 -26.89 20.90 4.19
CA THR C 60 -25.51 20.42 4.08
C THR C 60 -24.58 21.50 3.53
N GLN C 61 -23.33 21.38 3.96
CA GLN C 61 -22.15 22.18 3.68
C GLN C 61 -22.29 23.60 4.22
N LEU C 62 -23.49 24.14 4.21
CA LEU C 62 -23.74 25.46 4.76
C LEU C 62 -24.84 25.27 5.80
N PHE C 63 -24.68 25.88 6.96
CA PHE C 63 -25.80 25.91 7.90
C PHE C 63 -26.71 27.06 7.52
N LEU C 64 -27.99 26.79 7.36
CA LEU C 64 -28.98 27.79 7.04
C LEU C 64 -29.87 28.03 8.25
N ASN C 65 -30.04 29.31 8.62
CA ASN C 65 -30.96 29.70 9.69
C ASN C 65 -30.56 29.06 11.02
N GLY C 66 -29.26 29.02 11.30
CA GLY C 66 -28.72 28.47 12.53
C GLY C 66 -28.27 29.56 13.49
N SER C 67 -27.42 29.19 14.44
CA SER C 67 -26.92 30.17 15.40
C SER C 67 -25.67 30.88 14.88
N LEU C 68 -25.58 32.17 15.16
CA LEU C 68 -24.39 32.95 14.88
C LEU C 68 -23.55 33.10 16.14
N ALA C 69 -22.25 33.24 15.93
CA ALA C 69 -21.37 33.66 17.01
C ALA C 69 -21.53 35.15 17.28
N GLU C 70 -20.87 35.62 18.33
CA GLU C 70 -21.23 36.92 18.85
C GLU C 70 -20.41 38.06 18.25
N GLU C 71 -19.12 37.87 18.08
CA GLU C 71 -18.28 38.98 17.65
C GLU C 71 -17.42 38.66 16.43
N GLU C 72 -16.91 37.43 16.32
CA GLU C 72 -16.04 37.03 15.24
C GLU C 72 -16.45 35.66 14.74
N VAL C 73 -15.93 35.28 13.57
CA VAL C 73 -16.04 33.90 13.13
C VAL C 73 -15.36 33.01 14.17
N VAL C 74 -15.98 31.86 14.45
CA VAL C 74 -15.42 30.88 15.37
C VAL C 74 -15.33 29.55 14.65
N ILE C 75 -14.14 28.95 14.65
CA ILE C 75 -13.91 27.66 14.02
C ILE C 75 -13.64 26.65 15.12
N ARG C 76 -14.26 25.48 14.99
CA ARG C 76 -14.13 24.43 16.01
C ARG C 76 -13.91 23.09 15.33
N SER C 77 -13.17 22.23 16.02
CA SER C 77 -12.96 20.85 15.61
C SER C 77 -12.71 20.00 16.84
N GLU C 78 -13.13 18.73 16.77
CA GLU C 78 -12.80 17.81 17.84
C GLU C 78 -11.34 17.36 17.81
N ASP C 79 -10.66 17.48 16.67
CA ASP C 79 -9.22 17.23 16.62
C ASP C 79 -8.72 17.87 15.34
N TRP C 80 -7.98 18.97 15.48
CA TRP C 80 -7.51 19.70 14.31
C TRP C 80 -6.60 18.83 13.45
N ARG C 81 -5.86 17.91 14.07
CA ARG C 81 -4.89 17.10 13.33
C ARG C 81 -5.54 15.94 12.58
N ASP C 82 -6.80 15.63 12.85
CA ASP C 82 -7.45 14.43 12.31
C ASP C 82 -8.29 14.81 11.08
N ASN C 83 -7.82 14.44 9.89
CA ASN C 83 -8.54 14.86 8.69
C ASN C 83 -9.88 14.14 8.54
N ALA C 84 -10.18 13.15 9.36
CA ALA C 84 -11.49 12.54 9.34
C ALA C 84 -12.49 13.24 10.29
N LYS C 85 -12.08 14.28 11.00
CA LYS C 85 -13.00 15.11 11.77
C LYS C 85 -13.28 16.40 11.00
N SER C 86 -14.57 16.73 10.83
CA SER C 86 -14.89 17.98 10.13
C SER C 86 -14.54 19.19 10.99
N ILE C 87 -14.51 20.36 10.34
CA ILE C 87 -14.26 21.64 11.00
C ILE C 87 -15.55 22.45 10.95
N CYS C 88 -16.01 22.89 12.13
CA CYS C 88 -17.30 23.57 12.26
C CYS C 88 -17.05 25.06 12.28
N VAL C 89 -17.55 25.77 11.27
CA VAL C 89 -17.34 27.20 11.17
C VAL C 89 -18.67 27.88 11.47
N GLN C 90 -18.68 28.74 12.46
CA GLN C 90 -19.87 29.50 12.81
C GLN C 90 -19.60 30.95 12.47
N LEU C 91 -20.45 31.53 11.64
CA LEU C 91 -20.33 32.94 11.30
C LEU C 91 -20.77 33.84 12.46
N ALA C 92 -20.22 35.07 12.48
CA ALA C 92 -20.73 36.10 13.38
C ALA C 92 -21.76 37.00 12.69
N THR C 93 -21.70 37.14 11.37
CA THR C 93 -22.73 37.83 10.63
C THR C 93 -23.21 36.96 9.48
N SER C 94 -24.52 36.81 9.37
CA SER C 94 -25.09 35.88 8.40
C SER C 94 -24.89 36.41 6.98
N VAL C 95 -24.93 35.49 6.02
CA VAL C 95 -24.82 35.80 4.61
C VAL C 95 -26.11 35.37 3.95
N GLU C 96 -26.84 36.34 3.41
CA GLU C 96 -28.14 36.02 2.83
C GLU C 96 -27.97 35.22 1.55
N ILE C 97 -28.78 34.18 1.38
CA ILE C 97 -28.83 33.43 0.13
C ILE C 97 -30.25 33.53 -0.41
N ALA C 98 -30.41 34.25 -1.53
CA ALA C 98 -31.72 34.64 -2.04
C ALA C 98 -32.05 33.82 -3.29
N CYS C 99 -33.14 33.08 -3.23
CA CYS C 99 -33.52 32.20 -4.31
C CYS C 99 -34.57 32.88 -5.19
N THR C 100 -34.43 32.69 -6.50
CA THR C 100 -35.21 33.44 -7.47
C THR C 100 -36.55 32.79 -7.77
N GLY C 101 -36.70 31.51 -7.52
CA GLY C 101 -37.85 30.79 -7.99
C GLY C 101 -37.73 30.29 -9.42
N ALA C 102 -36.63 30.59 -10.10
CA ALA C 102 -36.40 30.22 -11.50
C ALA C 102 -35.20 29.32 -11.69
N GLY C 103 -34.67 28.73 -10.62
CA GLY C 103 -33.60 27.77 -10.72
C GLY C 103 -32.28 28.23 -10.17
N HIS C 104 -32.19 29.42 -9.58
CA HIS C 104 -30.95 29.84 -8.94
C HIS C 104 -31.22 30.40 -7.56
N CYS C 105 -30.17 30.36 -6.73
CA CYS C 105 -30.09 31.07 -5.47
C CYS C 105 -28.80 31.88 -5.47
N ALA C 106 -28.90 33.15 -5.12
CA ALA C 106 -27.78 34.06 -5.25
C ALA C 106 -27.28 34.55 -3.90
N ILE C 107 -25.97 34.77 -3.85
CA ILE C 107 -25.24 35.28 -2.71
C ILE C 107 -24.43 36.49 -3.16
N SER C 108 -24.30 37.49 -2.28
CA SER C 108 -23.46 38.62 -2.62
C SER C 108 -22.01 38.16 -2.71
N ARG C 109 -21.36 38.41 -3.84
CA ARG C 109 -19.99 37.92 -3.98
C ARG C 109 -19.07 38.59 -2.98
N ALA C 110 -19.20 39.91 -2.82
CA ALA C 110 -18.30 40.62 -1.94
C ALA C 110 -18.46 40.14 -0.50
N LYS C 111 -19.69 39.85 -0.07
CA LYS C 111 -19.91 39.38 1.30
C LYS C 111 -19.34 37.97 1.48
N TRP C 112 -19.54 37.09 0.50
CA TRP C 112 -18.97 35.75 0.57
C TRP C 112 -17.45 35.80 0.58
N ALA C 113 -16.86 36.61 -0.32
CA ALA C 113 -15.41 36.78 -0.32
C ALA C 113 -14.91 37.24 1.04
N ASN C 114 -15.62 38.21 1.64
CA ASN C 114 -15.12 38.71 2.91
C ASN C 114 -15.33 37.70 4.04
N THR C 115 -16.38 36.90 3.96
CA THR C 115 -16.54 35.81 4.92
C THR C 115 -15.40 34.80 4.79
N LEU C 116 -15.12 34.33 3.56
CA LEU C 116 -14.03 33.36 3.40
C LEU C 116 -12.72 33.95 3.91
N LYS C 117 -12.47 35.21 3.59
CA LYS C 117 -11.27 35.87 4.10
C LYS C 117 -11.17 35.73 5.61
N GLN C 118 -12.28 35.93 6.32
CA GLN C 118 -12.27 35.78 7.77
C GLN C 118 -12.06 34.32 8.18
N ILE C 119 -12.75 33.38 7.53
CA ILE C 119 -12.54 31.96 7.80
C ILE C 119 -11.08 31.58 7.56
N ALA C 120 -10.51 32.04 6.43
CA ALA C 120 -9.10 31.78 6.14
C ALA C 120 -8.21 32.32 7.25
N SER C 121 -8.53 33.52 7.75
CA SER C 121 -7.74 34.10 8.81
C SER C 121 -7.74 33.21 10.05
N LYS C 122 -8.91 32.72 10.45
CA LYS C 122 -8.97 31.85 11.63
C LYS C 122 -8.28 30.50 11.37
N LEU C 123 -8.46 29.93 10.17
CA LEU C 123 -7.79 28.66 9.87
C LEU C 123 -6.28 28.84 9.90
N ARG C 124 -5.80 29.92 9.31
CA ARG C 124 -4.37 30.19 9.25
C ARG C 124 -3.78 30.25 10.66
N GLU C 125 -4.52 30.87 11.60
CA GLU C 125 -4.05 30.96 12.98
C GLU C 125 -4.14 29.61 13.67
N GLN C 126 -5.09 28.77 13.27
CA GLN C 126 -5.16 27.43 13.85
C GLN C 126 -4.01 26.56 13.34
N TYR C 127 -3.78 26.56 12.04
CA TYR C 127 -2.86 25.63 11.41
C TYR C 127 -1.48 26.22 11.16
N GLY C 128 -1.25 27.46 11.54
CA GLY C 128 0.08 28.04 11.42
C GLY C 128 0.56 28.03 9.98
N ALA C 129 -0.33 28.31 9.06
CA ALA C 129 -0.01 28.26 7.67
C ALA C 129 0.05 29.68 7.13
N LYS C 130 0.23 29.79 5.83
CA LYS C 130 0.12 31.07 5.17
C LYS C 130 -1.04 31.05 4.19
N THR C 131 -1.10 30.05 3.33
CA THR C 131 -2.05 30.03 2.23
C THR C 131 -3.15 29.04 2.51
N ILE C 132 -4.38 29.52 2.44
CA ILE C 132 -5.58 28.71 2.66
C ILE C 132 -6.32 28.64 1.34
N ILE C 133 -6.62 27.43 0.90
CA ILE C 133 -7.29 27.21 -0.37
C ILE C 133 -8.58 26.48 -0.09
N PHE C 134 -9.69 27.01 -0.60
CA PHE C 134 -10.96 26.31 -0.60
C PHE C 134 -11.13 25.68 -1.98
N LYS C 135 -11.49 24.40 -1.99
CA LYS C 135 -11.76 23.67 -3.22
C LYS C 135 -13.12 23.00 -3.12
N PRO C 136 -13.71 22.58 -4.24
CA PRO C 136 -15.06 22.02 -4.21
C PRO C 136 -15.09 20.63 -3.58
N SER C 137 -16.32 20.18 -3.29
CA SER C 137 -16.53 18.83 -2.82
C SER C 137 -15.81 17.82 -3.68
N SER C 138 -15.11 16.88 -3.04
CA SER C 138 -14.45 15.84 -3.83
C SER C 138 -15.37 14.68 -4.19
N GLY C 139 -16.62 14.68 -3.77
CA GLY C 139 -17.56 13.64 -4.16
C GLY C 139 -18.55 13.39 -3.05
N GLY C 140 -19.52 12.51 -3.34
CA GLY C 140 -20.52 12.06 -2.38
C GLY C 140 -21.90 11.91 -2.99
N ASP C 141 -22.89 11.48 -2.19
CA ASP C 141 -24.28 11.46 -2.65
C ASP C 141 -24.72 12.88 -3.03
N PRO C 142 -25.81 13.04 -3.75
CA PRO C 142 -26.25 14.39 -4.12
C PRO C 142 -26.43 15.32 -2.94
N GLU C 143 -26.91 14.81 -1.80
CA GLU C 143 -27.14 15.69 -0.66
C GLU C 143 -25.85 16.31 -0.16
N PHE C 144 -24.74 15.60 -0.33
CA PHE C 144 -23.47 16.04 0.26
C PHE C 144 -22.49 16.64 -0.72
N VAL C 145 -22.57 16.28 -2.00
CA VAL C 145 -21.70 16.92 -2.99
C VAL C 145 -22.24 18.33 -3.32
N ASN C 146 -23.54 18.53 -3.22
CA ASN C 146 -24.20 19.82 -3.37
C ASN C 146 -24.48 20.46 -2.02
N HIS C 147 -24.62 21.79 -2.03
CA HIS C 147 -25.30 22.43 -0.91
C HIS C 147 -26.76 22.04 -0.99
N SER C 148 -27.22 21.22 -0.03
CA SER C 148 -28.57 20.70 -0.04
C SER C 148 -29.33 21.18 1.18
N PHE C 149 -30.64 21.27 1.05
CA PHE C 149 -31.42 21.71 2.20
C PHE C 149 -32.87 21.28 2.04
N ASN C 150 -33.54 21.07 3.16
CA ASN C 150 -34.97 20.76 3.17
C ASN C 150 -35.71 22.06 3.47
N CYS C 151 -36.44 22.57 2.47
CA CYS C 151 -37.31 23.73 2.68
C CYS C 151 -38.76 23.31 2.52
N GLY C 152 -39.56 23.54 3.57
CA GLY C 152 -40.98 23.30 3.44
C GLY C 152 -41.38 21.87 3.24
N GLY C 153 -40.49 20.92 3.53
CA GLY C 153 -40.74 19.53 3.27
C GLY C 153 -40.20 19.02 1.95
N GLU C 154 -39.57 19.87 1.16
CA GLU C 154 -38.99 19.47 -0.13
C GLU C 154 -37.48 19.69 -0.11
N PHE C 155 -36.75 18.77 -0.73
CA PHE C 155 -35.29 18.80 -0.74
C PHE C 155 -34.81 19.48 -2.02
N PHE C 156 -33.90 20.43 -1.87
CA PHE C 156 -33.33 21.19 -2.97
C PHE C 156 -31.81 21.06 -2.97
N TYR C 157 -31.20 21.20 -4.15
CA TYR C 157 -29.78 20.91 -4.36
C TYR C 157 -29.14 22.04 -5.13
N CYS C 158 -28.17 22.72 -4.52
CA CYS C 158 -27.44 23.81 -5.18
C CYS C 158 -25.98 23.42 -5.34
N ALA C 159 -25.49 23.48 -6.58
CA ALA C 159 -24.07 23.32 -6.84
C ALA C 159 -23.32 24.43 -6.12
N SER C 160 -22.29 24.05 -5.36
CA SER C 160 -21.55 25.00 -4.54
C SER C 160 -20.11 25.20 -5.02
N THR C 161 -19.78 24.75 -6.24
CA THR C 161 -18.45 24.95 -6.82
C THR C 161 -18.00 26.41 -6.71
N GLN C 162 -18.90 27.33 -7.08
CA GLN C 162 -18.58 28.75 -7.07
C GLN C 162 -18.22 29.30 -5.69
N LEU C 163 -18.71 28.65 -4.62
CA LEU C 163 -18.45 29.08 -3.25
C LEU C 163 -17.13 28.58 -2.69
N PHE C 164 -16.59 27.48 -3.23
CA PHE C 164 -15.37 26.90 -2.69
C PHE C 164 -14.41 26.67 -3.87
N ALA C 165 -13.85 27.77 -4.39
CA ALA C 165 -12.75 27.68 -5.32
C ALA C 165 -12.02 29.00 -5.31
N SER C 166 -11.15 29.19 -4.34
CA SER C 166 -10.43 30.46 -4.20
C SER C 166 -9.30 30.24 -3.21
N THR C 167 -8.34 31.15 -3.28
CA THR C 167 -7.08 31.05 -2.57
C THR C 167 -6.95 32.29 -1.71
N TRP C 168 -6.32 32.15 -0.56
CA TRP C 168 -6.27 33.25 0.40
C TRP C 168 -4.86 33.30 0.98
N PHE C 169 -4.12 34.35 0.62
CA PHE C 169 -2.75 34.49 1.16
C PHE C 169 -2.83 35.17 2.52
C1 NAG D . -31.56 37.37 7.34
C2 NAG D . -32.99 37.42 6.77
C3 NAG D . -33.51 38.86 6.73
C4 NAG D . -33.31 39.54 8.08
C5 NAG D . -31.84 39.44 8.48
C6 NAG D . -31.52 40.10 9.81
C7 NAG D . -33.56 35.64 5.17
C8 NAG D . -33.51 35.26 3.71
N2 NAG D . -33.04 36.85 5.46
O3 NAG D . -34.86 38.82 6.36
O4 NAG D . -33.73 40.88 7.93
O5 NAG D . -31.49 38.08 8.55
O6 NAG D . -30.21 39.79 10.18
O7 NAG D . -34.02 34.89 6.01
C1 NAG E . -34.91 30.64 6.64
C2 NAG E . -35.90 29.70 5.92
C3 NAG E . -36.90 30.46 5.05
C4 NAG E . -37.51 31.63 5.82
C5 NAG E . -36.38 32.51 6.32
C6 NAG E . -36.85 33.75 7.05
C7 NAG E . -35.59 27.47 4.91
C8 NAG E . -34.69 26.67 4.01
N2 NAG E . -35.20 28.75 5.10
O3 NAG E . -37.88 29.56 4.62
O4 NAG E . -38.36 32.31 4.92
O5 NAG E . -35.58 31.75 7.20
O6 NAG E . -37.57 33.36 8.20
O7 NAG E . -36.58 26.99 5.41
#